data_6GWG
#
_entry.id   6GWG
#
_cell.length_a   66.730
_cell.length_b   95.870
_cell.length_c   97.440
_cell.angle_alpha   90.00
_cell.angle_beta   90.00
_cell.angle_gamma   90.00
#
_symmetry.space_group_name_H-M   'P 21 21 21'
#
loop_
_entity.id
_entity.type
_entity.pdbx_description
1 polymer Alpha-galactosidase
2 non-polymer 'SULFATE ION'
3 non-polymer (1~{S},2~{S},3~{S})-3-fluoranyl-6-(hydroxymethyl)cyclohex-5-ene-1,2,4-triol
4 non-polymer 'MAGNESIUM ION'
5 non-polymer GLYCEROL
6 water water
#
_entity_poly.entity_id   1
_entity_poly.type   'polypeptide(L)'
_entity_poly.pdbx_seq_one_letter_code
;MGSSHHHHHHSSGLVPRGSHMASMEIFGKTFREGRFVLKEKNFTVEFAVEKIHLGWKISGRVKGSPGRLEVLRTKAPEKV
LVNNWQSWGPCRVVDAFSFKPPEIDPNWRYTASVVPDVLERNLQSDYFVAEEGKVYGFLSSKIAHPFFAVEDGELVAYLE
YFDVEFDDFVPLEPLVVLEDPNTPLLLEKYAELVGMENNARVPKHTPTGWCSWYHYFLDLTWEETLKNLKLAKNFPFEVF
QIDDAYEKDIGDWLVTRGDFPSVEEMAKVIAENGFIPGIWTAPFSVSETSDVFNEHPDWVVKENGEPKMAYRNWNKKIYA
LDLSKDEVLNWLFDLFSSLRKMGYRYFKIDFLFAGAVPGERKKNITPIQAFRKGIETIRKAVGEDSFILGCGSPLLPAVG
CVDGMRIGPDTAPFWGEHIEDNGAPAARWALRNAITRYFMHDRFWLNDPDCLILREEKTDLTQKEKELYSYTCGVLDNMI
IESDDLSLVRDHGKKVLKETLELLGGRPRVQNIMSEDLRYEIVSSGTLSGNVKIVVDLNSREYHLEKEGKSSLKKRVVKR
EDGRNFYFYEEGERE
;
_entity_poly.pdbx_strand_id   A
#
loop_
_chem_comp.id
_chem_comp.type
_chem_comp.name
_chem_comp.formula
FEK non-polymer (1~{S},2~{S},3~{S})-3-fluoranyl-6-(hydroxymethyl)cyclohex-5-ene-1,2,4-triol 'C7 H11 F O4'
GOL non-polymer GLYCEROL 'C3 H8 O3'
MG non-polymer 'MAGNESIUM ION' 'Mg 2'
SO4 non-polymer 'SULFATE ION' 'O4 S -2'
#
# COMPACT_ATOMS: atom_id res chain seq x y z
N ARG A 17 -17.97 5.21 30.51
CA ARG A 17 -17.72 5.54 31.95
CA ARG A 17 -17.74 5.51 31.94
C ARG A 17 -16.23 5.39 32.28
N GLY A 18 -15.43 4.92 31.31
CA GLY A 18 -13.98 4.69 31.54
C GLY A 18 -13.24 5.99 31.83
N SER A 19 -12.22 5.90 32.69
CA SER A 19 -11.41 7.05 33.06
C SER A 19 -10.62 7.55 31.84
N HIS A 20 -10.17 6.62 30.98
CA HIS A 20 -9.45 7.06 29.76
C HIS A 20 -10.40 7.86 28.85
N MET A 21 -11.66 7.42 28.74
CA MET A 21 -12.63 8.00 27.78
C MET A 21 -13.10 9.36 28.27
N ALA A 22 -13.23 9.55 29.60
CA ALA A 22 -13.52 10.88 30.18
C ALA A 22 -12.38 11.86 29.84
N SER A 23 -11.20 11.32 29.56
CA SER A 23 -10.00 12.12 29.29
C SER A 23 -9.87 12.49 27.81
N MET A 24 -10.83 12.11 26.95
CA MET A 24 -10.80 12.32 25.49
CA MET A 24 -10.77 12.35 25.50
C MET A 24 -11.53 13.63 25.14
N GLU A 25 -11.07 14.30 24.06
CA GLU A 25 -11.74 15.48 23.48
C GLU A 25 -11.96 15.24 21.99
N ILE A 26 -13.16 15.56 21.50
CA ILE A 26 -13.55 15.43 20.10
C ILE A 26 -13.92 16.82 19.58
N PHE A 27 -13.20 17.27 18.56
CA PHE A 27 -13.37 18.60 18.00
C PHE A 27 -13.37 19.62 19.14
N GLY A 28 -12.46 19.38 20.10
CA GLY A 28 -12.10 20.33 21.13
C GLY A 28 -13.03 20.31 22.33
N LYS A 29 -13.99 19.37 22.39
CA LYS A 29 -14.98 19.31 23.49
C LYS A 29 -15.10 17.88 24.04
N THR A 30 -15.84 17.70 25.15
CA THR A 30 -15.76 16.43 25.87
C THR A 30 -16.60 15.38 25.14
N PHE A 31 -16.08 14.16 25.15
CA PHE A 31 -16.53 13.05 24.35
C PHE A 31 -17.88 12.54 24.91
N ARG A 32 -18.95 12.61 24.12
CA ARG A 32 -20.19 11.89 24.47
C ARG A 32 -21.06 11.78 23.23
N GLU A 33 -21.94 10.76 23.20
CA GLU A 33 -22.91 10.59 22.14
C GLU A 33 -23.66 11.91 21.95
N GLY A 34 -24.02 12.20 20.69
CA GLY A 34 -24.82 13.39 20.34
C GLY A 34 -24.49 13.91 18.95
N ARG A 35 -25.13 15.02 18.60
CA ARG A 35 -24.91 15.79 17.39
C ARG A 35 -24.44 17.19 17.81
N PHE A 36 -23.41 17.70 17.15
CA PHE A 36 -22.66 18.85 17.65
C PHE A 36 -22.35 19.79 16.48
N VAL A 37 -22.06 21.05 16.81
CA VAL A 37 -21.59 22.02 15.83
C VAL A 37 -20.35 22.74 16.36
N LEU A 38 -19.25 22.72 15.58
CA LEU A 38 -18.12 23.60 15.84
C LEU A 38 -18.11 24.69 14.77
N LYS A 39 -18.34 25.95 15.17
CA LYS A 39 -18.18 27.12 14.28
C LYS A 39 -16.92 27.89 14.72
N GLU A 40 -15.95 28.03 13.80
CA GLU A 40 -14.79 28.90 14.06
C GLU A 40 -14.78 30.03 13.02
N LYS A 41 -13.77 30.89 13.08
CA LYS A 41 -13.63 32.01 12.12
C LYS A 41 -13.73 31.44 10.69
N ASN A 42 -12.93 30.41 10.43
CA ASN A 42 -12.51 30.02 9.09
C ASN A 42 -13.27 28.78 8.60
N PHE A 43 -13.88 28.00 9.51
CA PHE A 43 -14.60 26.79 9.12
C PHE A 43 -15.73 26.47 10.10
N THR A 44 -16.62 25.58 9.66
CA THR A 44 -17.71 24.99 10.44
C THR A 44 -17.71 23.47 10.26
N VAL A 45 -17.76 22.75 11.39
CA VAL A 45 -17.91 21.29 11.43
C VAL A 45 -19.26 20.97 12.09
N GLU A 46 -20.05 20.12 11.44
CA GLU A 46 -21.19 19.45 12.05
C GLU A 46 -20.87 17.97 12.15
N PHE A 47 -20.92 17.40 13.36
CA PHE A 47 -20.54 16.01 13.59
C PHE A 47 -21.48 15.32 14.58
N ALA A 48 -21.53 14.00 14.44
CA ALA A 48 -22.24 13.11 15.32
C ALA A 48 -21.25 12.14 15.96
N VAL A 49 -21.42 11.89 17.26
CA VAL A 49 -20.74 10.84 17.98
C VAL A 49 -21.78 9.77 18.32
N GLU A 50 -21.61 8.57 17.74
CA GLU A 50 -22.54 7.45 17.82
C GLU A 50 -21.84 6.25 18.50
N LYS A 51 -22.59 5.50 19.30
CA LYS A 51 -22.11 4.24 19.80
C LYS A 51 -22.21 3.20 18.67
N ILE A 52 -21.19 2.37 18.52
CA ILE A 52 -21.24 1.26 17.57
C ILE A 52 -20.74 0.01 18.28
N HIS A 53 -20.84 -1.14 17.61
CA HIS A 53 -20.28 -2.38 18.15
C HIS A 53 -18.77 -2.19 18.42
N LEU A 54 -18.38 -2.33 19.68
CA LEU A 54 -17.00 -2.37 20.13
C LEU A 54 -16.42 -0.95 20.29
N GLY A 55 -17.23 0.10 20.09
CA GLY A 55 -16.79 1.43 20.47
C GLY A 55 -17.67 2.53 19.96
N TRP A 56 -17.06 3.47 19.22
CA TRP A 56 -17.66 4.73 18.90
C TRP A 56 -17.25 5.11 17.47
N LYS A 57 -18.15 5.86 16.81
CA LYS A 57 -17.90 6.42 15.48
C LYS A 57 -18.21 7.92 15.51
N ILE A 58 -17.29 8.70 14.92
CA ILE A 58 -17.44 10.12 14.74
C ILE A 58 -17.51 10.41 13.23
N SER A 59 -18.61 11.03 12.80
CA SER A 59 -18.84 11.31 11.41
C SER A 59 -19.45 12.70 11.28
N GLY A 60 -19.51 13.23 10.06
CA GLY A 60 -20.16 14.50 9.80
C GLY A 60 -19.68 15.17 8.53
N ARG A 61 -19.62 16.49 8.59
CA ARG A 61 -19.32 17.31 7.45
C ARG A 61 -18.67 18.61 7.89
N VAL A 62 -17.91 19.19 6.95
CA VAL A 62 -17.12 20.38 7.20
C VAL A 62 -17.20 21.30 5.97
N LYS A 63 -17.10 22.61 6.23
CA LYS A 63 -16.99 23.58 5.14
C LYS A 63 -16.12 24.74 5.62
N GLY A 64 -15.83 25.64 4.67
CA GLY A 64 -14.88 26.70 4.91
C GLY A 64 -13.46 26.25 4.63
N SER A 65 -12.53 26.71 5.46
CA SER A 65 -11.12 26.37 5.34
CA SER A 65 -11.11 26.39 5.35
C SER A 65 -10.64 25.65 6.60
N PRO A 66 -10.90 24.32 6.71
CA PRO A 66 -10.53 23.58 7.92
C PRO A 66 -9.02 23.40 8.14
N GLY A 67 -8.21 23.55 7.08
CA GLY A 67 -6.74 23.43 7.20
C GLY A 67 -6.35 22.07 7.78
N ARG A 68 -5.50 22.09 8.80
CA ARG A 68 -5.22 20.90 9.56
C ARG A 68 -6.18 20.84 10.75
N LEU A 69 -7.26 20.08 10.57
CA LEU A 69 -8.39 20.02 11.47
C LEU A 69 -8.14 19.00 12.59
N GLU A 70 -8.05 19.47 13.85
CA GLU A 70 -7.95 18.55 15.02
C GLU A 70 -9.27 17.83 15.26
N VAL A 71 -9.27 16.50 15.27
CA VAL A 71 -10.50 15.71 15.41
C VAL A 71 -10.60 15.14 16.84
N LEU A 72 -9.49 14.58 17.35
CA LEU A 72 -9.49 13.83 18.61
C LEU A 72 -8.20 14.13 19.36
N ARG A 73 -8.31 14.17 20.69
CA ARG A 73 -7.16 14.32 21.54
C ARG A 73 -7.34 13.42 22.78
N THR A 74 -6.31 12.64 23.08
CA THR A 74 -6.31 11.72 24.19
C THR A 74 -4.88 11.54 24.68
N LYS A 75 -4.72 10.96 25.86
CA LYS A 75 -3.40 10.73 26.40
C LYS A 75 -2.70 9.66 25.55
N ALA A 76 -1.42 9.89 25.24
CA ALA A 76 -0.64 9.01 24.35
C ALA A 76 -0.24 7.77 25.12
N PRO A 77 -0.59 6.56 24.63
CA PRO A 77 -0.12 5.30 25.19
C PRO A 77 1.41 5.20 25.08
N GLU A 78 2.03 4.30 25.86
CA GLU A 78 3.48 4.15 25.80
C GLU A 78 3.91 3.40 24.55
N LYS A 79 3.18 2.33 24.21
CA LYS A 79 3.51 1.52 23.04
C LYS A 79 2.35 1.61 22.06
N VAL A 80 2.67 2.05 20.83
CA VAL A 80 1.67 2.20 19.76
C VAL A 80 2.14 1.43 18.52
N LEU A 81 1.20 0.73 17.89
CA LEU A 81 1.34 0.27 16.52
C LEU A 81 1.08 1.44 15.55
N VAL A 82 2.13 1.86 14.84
CA VAL A 82 2.01 2.99 13.92
C VAL A 82 2.09 2.48 12.49
N ASN A 83 1.54 3.27 11.57
CA ASN A 83 1.41 2.87 10.22
C ASN A 83 1.80 4.01 9.28
N ASN A 84 2.75 3.74 8.40
CA ASN A 84 3.10 4.66 7.33
C ASN A 84 1.94 4.69 6.33
N TRP A 85 1.74 5.85 5.66
CA TRP A 85 0.61 5.97 4.73
C TRP A 85 0.73 5.05 3.50
N GLN A 86 1.94 4.59 3.12
CA GLN A 86 2.10 3.90 1.84
C GLN A 86 2.73 2.51 2.00
N SER A 87 2.62 1.70 0.94
CA SER A 87 3.05 0.30 0.79
C SER A 87 4.34 0.00 1.57
N TRP A 88 5.39 0.76 1.28
CA TRP A 88 6.75 0.38 1.65
C TRP A 88 7.02 0.75 3.11
N GLY A 89 6.32 1.75 3.63
CA GLY A 89 6.65 2.30 4.95
C GLY A 89 6.28 1.34 6.06
N PRO A 90 6.93 1.44 7.23
CA PRO A 90 6.74 0.49 8.33
C PRO A 90 5.34 0.57 8.95
N CYS A 91 4.83 -0.59 9.31
CA CYS A 91 3.77 -0.73 10.24
C CYS A 91 4.35 -1.57 11.40
N ARG A 92 4.52 -0.93 12.55
CA ARG A 92 5.29 -1.52 13.61
C ARG A 92 4.96 -0.84 14.94
N VAL A 93 5.37 -1.50 16.02
CA VAL A 93 5.21 -1.03 17.39
C VAL A 93 6.42 -0.19 17.76
N VAL A 94 6.18 1.03 18.25
CA VAL A 94 7.26 1.92 18.69
C VAL A 94 6.88 2.45 20.07
N ASP A 95 7.91 2.89 20.80
CA ASP A 95 7.74 3.58 22.08
C ASP A 95 7.44 5.05 21.78
N ALA A 96 6.25 5.51 22.17
CA ALA A 96 5.74 6.83 21.83
C ALA A 96 6.52 7.94 22.53
N PHE A 97 7.30 7.63 23.56
CA PHE A 97 7.86 8.67 24.44
C PHE A 97 9.33 8.92 24.10
N SER A 98 10.01 7.87 23.63
CA SER A 98 11.42 7.96 23.34
C SER A 98 11.67 8.22 21.85
N PHE A 99 10.64 8.69 21.12
CA PHE A 99 10.78 9.01 19.69
C PHE A 99 11.75 10.18 19.48
N LYS A 100 12.64 10.02 18.50
CA LYS A 100 13.44 11.12 17.95
C LYS A 100 13.14 11.25 16.46
N PRO A 101 12.96 12.47 15.92
CA PRO A 101 12.67 12.63 14.50
C PRO A 101 13.69 11.92 13.63
N PRO A 102 13.28 11.16 12.59
CA PRO A 102 14.22 10.57 11.64
C PRO A 102 14.89 11.66 10.77
N GLU A 103 16.09 11.35 10.27
CA GLU A 103 16.66 12.03 9.13
C GLU A 103 15.85 11.62 7.89
N ILE A 104 15.35 12.61 7.15
CA ILE A 104 14.54 12.27 6.01
C ILE A 104 15.40 12.39 4.74
N ASP A 105 15.32 11.34 3.92
CA ASP A 105 16.07 11.24 2.69
C ASP A 105 15.48 12.24 1.70
N PRO A 106 16.24 13.24 1.21
CA PRO A 106 15.67 14.28 0.35
C PRO A 106 15.17 13.71 -0.99
N ASN A 107 15.60 12.49 -1.32
CA ASN A 107 15.18 11.86 -2.55
C ASN A 107 13.85 11.10 -2.38
N TRP A 108 13.38 10.93 -1.14
CA TRP A 108 12.23 10.08 -0.84
C TRP A 108 11.37 10.67 0.27
N ARG A 109 11.32 12.00 0.33
CA ARG A 109 10.68 12.74 1.41
CA ARG A 109 10.66 12.78 1.38
C ARG A 109 9.26 12.22 1.67
N TYR A 110 8.48 12.08 0.59
CA TYR A 110 7.06 11.88 0.68
C TYR A 110 6.73 10.39 0.86
N THR A 111 7.71 9.47 0.79
CA THR A 111 7.44 8.10 1.20
C THR A 111 7.35 8.06 2.74
N ALA A 112 8.07 8.98 3.39
CA ALA A 112 8.13 9.03 4.82
C ALA A 112 6.86 9.68 5.37
N SER A 113 6.38 10.74 4.71
CA SER A 113 5.22 11.49 5.19
C SER A 113 4.73 12.42 4.08
N VAL A 114 3.41 12.55 3.99
CA VAL A 114 2.77 13.54 3.15
C VAL A 114 2.72 14.88 3.87
N VAL A 115 3.01 14.88 5.19
CA VAL A 115 3.08 16.12 6.00
C VAL A 115 4.41 16.18 6.73
N PRO A 116 5.54 16.32 6.03
CA PRO A 116 6.84 16.12 6.67
C PRO A 116 7.17 17.11 7.80
N ASP A 117 6.44 18.22 7.88
CA ASP A 117 6.55 19.15 9.03
C ASP A 117 6.26 18.43 10.35
N VAL A 118 5.36 17.44 10.30
CA VAL A 118 4.99 16.66 11.48
C VAL A 118 6.17 15.76 11.88
N LEU A 119 6.65 14.98 10.91
CA LEU A 119 7.53 13.88 11.18
C LEU A 119 8.93 14.38 11.54
N GLU A 120 9.23 15.65 11.24
CA GLU A 120 10.52 16.21 11.62
C GLU A 120 10.45 16.75 13.06
N ARG A 121 9.28 16.64 13.72
CA ARG A 121 9.10 17.06 15.12
C ARG A 121 8.50 15.93 15.97
N ASN A 122 7.52 15.18 15.44
CA ASN A 122 6.68 14.33 16.26
C ASN A 122 6.47 12.96 15.59
N LEU A 123 6.25 11.94 16.41
CA LEU A 123 5.79 10.63 15.98
C LEU A 123 4.50 10.79 15.18
N GLN A 124 4.47 10.20 13.98
CA GLN A 124 3.33 10.25 13.09
C GLN A 124 2.84 8.83 12.81
N SER A 125 1.52 8.68 12.76
CA SER A 125 0.87 7.48 12.25
C SER A 125 -0.24 7.90 11.27
N ASP A 126 -0.32 7.20 10.13
CA ASP A 126 -1.26 7.52 9.08
C ASP A 126 -2.43 6.53 9.11
N TYR A 127 -3.66 7.08 9.07
CA TYR A 127 -4.91 6.34 8.91
C TYR A 127 -5.40 5.75 10.23
N PHE A 128 -4.53 5.00 10.92
CA PHE A 128 -4.88 4.37 12.17
C PHE A 128 -3.66 4.34 13.08
N VAL A 129 -3.94 4.04 14.35
CA VAL A 129 -2.96 3.71 15.33
C VAL A 129 -3.62 2.77 16.34
N ALA A 130 -2.85 1.80 16.88
CA ALA A 130 -3.36 0.84 17.86
C ALA A 130 -2.47 0.82 19.10
N GLU A 131 -3.09 0.43 20.21
CA GLU A 131 -2.37 0.02 21.40
C GLU A 131 -3.01 -1.27 21.86
N GLU A 132 -2.38 -1.95 22.84
CA GLU A 132 -3.01 -3.12 23.42
C GLU A 132 -4.43 -2.75 23.86
N GLY A 133 -5.46 -3.37 23.26
CA GLY A 133 -6.86 -3.21 23.59
C GLY A 133 -7.56 -2.00 23.00
N LYS A 134 -6.96 -1.24 22.09
CA LYS A 134 -7.67 -0.11 21.48
C LYS A 134 -7.20 0.16 20.04
N VAL A 135 -8.13 0.51 19.17
CA VAL A 135 -7.82 0.97 17.82
C VAL A 135 -8.50 2.31 17.58
N TYR A 136 -7.69 3.28 17.12
CA TYR A 136 -8.20 4.47 16.56
C TYR A 136 -7.94 4.45 15.06
N GLY A 137 -9.01 4.57 14.26
CA GLY A 137 -8.88 4.42 12.79
C GLY A 137 -9.87 5.26 12.02
N PHE A 138 -9.38 5.94 10.99
CA PHE A 138 -10.24 6.61 10.05
C PHE A 138 -10.70 5.63 8.97
N LEU A 139 -11.96 5.72 8.56
CA LEU A 139 -12.53 4.70 7.67
C LEU A 139 -12.26 5.02 6.19
N SER A 140 -11.77 6.23 5.89
CA SER A 140 -11.55 6.66 4.53
C SER A 140 -10.47 7.73 4.46
N SER A 141 -9.95 7.94 3.25
CA SER A 141 -9.17 9.13 2.91
C SER A 141 -9.52 9.52 1.46
N LYS A 142 -10.63 10.25 1.33
CA LYS A 142 -11.18 10.64 0.03
C LYS A 142 -10.81 12.09 -0.28
N ILE A 143 -10.81 12.93 0.76
CA ILE A 143 -10.57 14.37 0.63
C ILE A 143 -9.36 14.74 1.49
N ALA A 144 -9.44 14.46 2.79
CA ALA A 144 -8.39 14.81 3.74
C ALA A 144 -7.42 13.65 3.89
N HIS A 145 -6.19 13.96 4.28
CA HIS A 145 -5.27 12.96 4.78
C HIS A 145 -5.46 12.80 6.29
N PRO A 146 -5.92 11.62 6.77
CA PRO A 146 -6.10 11.39 8.20
C PRO A 146 -4.84 10.84 8.84
N PHE A 147 -4.38 11.51 9.91
CA PHE A 147 -3.17 11.07 10.59
C PHE A 147 -3.26 11.38 12.10
N PHE A 148 -2.30 10.80 12.81
CA PHE A 148 -2.11 11.00 14.27
C PHE A 148 -0.69 11.49 14.51
N ALA A 149 -0.52 12.34 15.51
CA ALA A 149 0.76 12.83 15.95
C ALA A 149 0.80 12.71 17.47
N VAL A 150 1.96 12.36 18.01
CA VAL A 150 2.15 12.42 19.45
C VAL A 150 2.80 13.78 19.76
N GLU A 151 2.02 14.65 20.40
CA GLU A 151 2.38 16.02 20.67
C GLU A 151 2.41 16.22 22.19
N ASP A 152 3.63 16.29 22.75
CA ASP A 152 3.85 16.51 24.19
C ASP A 152 2.93 15.59 24.99
N GLY A 153 3.08 14.28 24.78
CA GLY A 153 2.41 13.29 25.61
C GLY A 153 0.94 13.08 25.27
N GLU A 154 0.42 13.76 24.23
CA GLU A 154 -0.95 13.51 23.79
C GLU A 154 -0.96 12.93 22.37
N LEU A 155 -1.85 11.97 22.17
CA LEU A 155 -2.16 11.49 20.83
C LEU A 155 -3.27 12.35 20.22
N VAL A 156 -2.96 12.98 19.09
CA VAL A 156 -3.88 13.88 18.39
C VAL A 156 -4.19 13.36 16.99
N ALA A 157 -5.48 13.19 16.71
CA ALA A 157 -5.97 12.82 15.39
C ALA A 157 -6.27 14.10 14.61
N TYR A 158 -5.79 14.15 13.37
CA TYR A 158 -5.96 15.28 12.46
C TYR A 158 -6.52 14.80 11.11
N LEU A 159 -7.30 15.68 10.48
CA LEU A 159 -7.63 15.62 9.04
C LEU A 159 -6.98 16.81 8.33
N GLU A 160 -6.00 16.51 7.46
CA GLU A 160 -5.24 17.53 6.74
C GLU A 160 -5.95 17.81 5.43
N TYR A 161 -6.39 19.07 5.26
CA TYR A 161 -7.10 19.52 4.04
C TYR A 161 -6.20 20.35 3.11
N PHE A 162 -4.93 20.53 3.48
CA PHE A 162 -3.88 21.09 2.58
C PHE A 162 -4.33 22.46 2.06
N ASP A 163 -4.88 23.28 2.94
CA ASP A 163 -5.23 24.67 2.58
C ASP A 163 -6.27 24.77 1.45
N VAL A 164 -7.08 23.72 1.23
CA VAL A 164 -8.19 23.78 0.29
C VAL A 164 -9.43 24.39 0.98
N GLU A 165 -10.20 25.18 0.22
CA GLU A 165 -11.42 25.83 0.69
C GLU A 165 -12.64 25.10 0.11
N PHE A 166 -13.67 24.93 0.95
CA PHE A 166 -14.91 24.33 0.52
C PHE A 166 -16.06 25.31 0.77
N ASP A 167 -16.73 25.73 -0.30
CA ASP A 167 -17.84 26.66 -0.19
C ASP A 167 -19.03 25.90 0.41
N ASP A 168 -19.20 24.66 0.00
CA ASP A 168 -20.27 23.83 0.49
C ASP A 168 -19.71 22.69 1.33
N PHE A 169 -20.56 22.17 2.22
CA PHE A 169 -20.19 21.05 3.11
C PHE A 169 -19.68 19.86 2.27
N VAL A 170 -18.61 19.23 2.77
CA VAL A 170 -18.14 17.91 2.30
C VAL A 170 -18.08 16.94 3.48
N PRO A 171 -18.16 15.62 3.23
CA PRO A 171 -18.13 14.65 4.32
C PRO A 171 -16.76 14.65 5.01
N LEU A 172 -16.75 14.63 6.35
CA LEU A 172 -15.56 14.21 7.09
C LEU A 172 -15.19 12.78 6.68
N GLU A 173 -13.90 12.42 6.83
CA GLU A 173 -13.49 11.02 6.88
C GLU A 173 -13.89 10.46 8.25
N PRO A 174 -14.80 9.48 8.34
CA PRO A 174 -15.24 9.01 9.65
C PRO A 174 -14.07 8.45 10.48
N LEU A 175 -14.15 8.62 11.81
CA LEU A 175 -13.19 8.05 12.79
C LEU A 175 -13.91 7.05 13.70
N VAL A 176 -13.34 5.86 13.87
CA VAL A 176 -13.82 4.95 14.89
C VAL A 176 -12.78 4.81 16.00
N VAL A 177 -13.30 4.66 17.21
CA VAL A 177 -12.53 4.36 18.40
C VAL A 177 -13.07 3.05 18.98
N LEU A 178 -12.31 1.97 18.83
CA LEU A 178 -12.77 0.64 19.19
C LEU A 178 -11.94 0.16 20.39
N GLU A 179 -12.62 -0.59 21.28
CA GLU A 179 -12.02 -1.03 22.53
C GLU A 179 -12.48 -2.45 22.84
N ASP A 180 -11.51 -3.31 23.15
CA ASP A 180 -11.69 -4.69 23.43
C ASP A 180 -10.33 -5.31 23.70
N PRO A 181 -10.20 -6.29 24.62
CA PRO A 181 -8.88 -6.83 24.91
C PRO A 181 -8.24 -7.57 23.72
N ASN A 182 -9.06 -8.03 22.77
CA ASN A 182 -8.59 -8.76 21.60
C ASN A 182 -8.22 -7.78 20.48
N THR A 183 -7.00 -7.27 20.53
CA THR A 183 -6.55 -6.21 19.60
C THR A 183 -6.59 -6.68 18.14
N PRO A 184 -6.18 -7.92 17.81
CA PRO A 184 -6.30 -8.43 16.44
C PRO A 184 -7.74 -8.35 15.93
N LEU A 185 -8.69 -8.71 16.79
CA LEU A 185 -10.08 -8.69 16.45
C LEU A 185 -10.49 -7.25 16.10
N LEU A 186 -10.06 -6.28 16.91
CA LEU A 186 -10.32 -4.87 16.69
C LEU A 186 -9.78 -4.43 15.31
N LEU A 187 -8.54 -4.84 14.98
CA LEU A 187 -7.94 -4.40 13.71
C LEU A 187 -8.73 -4.99 12.55
N GLU A 188 -9.18 -6.23 12.71
CA GLU A 188 -9.97 -6.89 11.70
C GLU A 188 -11.32 -6.17 11.55
N LYS A 189 -11.92 -5.77 12.67
CA LYS A 189 -13.20 -5.08 12.64
CA LYS A 189 -13.22 -5.09 12.62
C LYS A 189 -13.04 -3.70 11.99
N TYR A 190 -11.99 -3.00 12.38
CA TYR A 190 -11.67 -1.71 11.77
C TYR A 190 -11.61 -1.86 10.24
N ALA A 191 -10.89 -2.89 9.78
CA ALA A 191 -10.66 -3.08 8.36
C ALA A 191 -11.97 -3.46 7.66
N GLU A 192 -12.82 -4.23 8.34
CA GLU A 192 -14.17 -4.53 7.82
C GLU A 192 -14.94 -3.23 7.55
N LEU A 193 -14.84 -2.28 8.49
CA LEU A 193 -15.56 -1.01 8.39
C LEU A 193 -14.98 -0.15 7.26
N VAL A 194 -13.65 -0.14 7.11
CA VAL A 194 -13.00 0.53 5.97
C VAL A 194 -13.52 -0.06 4.66
N GLY A 195 -13.57 -1.38 4.56
CA GLY A 195 -13.94 -2.02 3.33
C GLY A 195 -15.38 -1.70 2.93
N MET A 196 -16.26 -1.59 3.93
CA MET A 196 -17.66 -1.24 3.75
CA MET A 196 -17.65 -1.27 3.66
C MET A 196 -17.78 0.21 3.26
N GLU A 197 -17.03 1.10 3.93
CA GLU A 197 -17.09 2.54 3.69
C GLU A 197 -16.64 2.87 2.26
N ASN A 198 -15.73 2.06 1.68
CA ASN A 198 -15.05 2.40 0.41
C ASN A 198 -15.40 1.40 -0.70
N ASN A 199 -16.34 0.49 -0.41
CA ASN A 199 -16.74 -0.52 -1.38
CA ASN A 199 -16.74 -0.54 -1.37
C ASN A 199 -15.49 -1.26 -1.89
N ALA A 200 -14.73 -1.85 -0.95
CA ALA A 200 -13.48 -2.53 -1.24
C ALA A 200 -13.71 -3.60 -2.31
N ARG A 201 -12.69 -3.81 -3.16
CA ARG A 201 -12.67 -4.91 -4.14
C ARG A 201 -11.88 -6.09 -3.56
N VAL A 202 -12.59 -7.18 -3.28
CA VAL A 202 -11.94 -8.36 -2.80
C VAL A 202 -12.29 -9.48 -3.76
N PRO A 203 -11.45 -9.71 -4.79
CA PRO A 203 -11.72 -10.77 -5.75
C PRO A 203 -11.86 -12.13 -5.05
N LYS A 204 -12.72 -12.98 -5.60
CA LYS A 204 -12.94 -14.32 -5.09
C LYS A 204 -11.80 -15.25 -5.53
N HIS A 205 -11.14 -14.91 -6.64
CA HIS A 205 -9.99 -15.66 -7.17
C HIS A 205 -8.71 -14.81 -7.00
N THR A 206 -7.66 -15.44 -6.52
CA THR A 206 -6.37 -14.78 -6.44
C THR A 206 -5.47 -15.27 -7.56
N PRO A 207 -4.90 -14.37 -8.37
CA PRO A 207 -3.94 -14.77 -9.40
C PRO A 207 -2.66 -15.32 -8.79
N THR A 208 -2.12 -16.38 -9.40
CA THR A 208 -0.73 -16.78 -9.26
C THR A 208 0.04 -16.28 -10.50
N GLY A 209 1.36 -16.27 -10.43
CA GLY A 209 2.11 -15.84 -11.59
C GLY A 209 3.56 -15.60 -11.27
N TRP A 210 4.22 -14.97 -12.26
CA TRP A 210 5.63 -14.71 -12.35
C TRP A 210 5.85 -13.21 -12.59
N CYS A 211 6.89 -12.69 -11.94
CA CYS A 211 7.33 -11.28 -12.00
C CYS A 211 8.83 -11.28 -12.27
N SER A 212 9.27 -10.39 -13.18
CA SER A 212 10.68 -10.39 -13.63
C SER A 212 11.61 -9.73 -12.60
N TRP A 213 11.08 -8.88 -11.71
CA TRP A 213 11.92 -7.86 -11.10
C TRP A 213 13.02 -8.49 -10.21
N TYR A 214 12.66 -9.41 -9.30
CA TYR A 214 13.56 -9.74 -8.20
C TYR A 214 14.62 -10.76 -8.62
N HIS A 215 14.74 -11.05 -9.91
CA HIS A 215 15.92 -11.74 -10.45
C HIS A 215 16.71 -10.84 -11.41
N TYR A 216 16.01 -10.24 -12.38
CA TYR A 216 16.66 -9.57 -13.51
C TYR A 216 16.79 -8.06 -13.24
N PHE A 217 15.91 -7.53 -12.38
CA PHE A 217 15.90 -6.10 -12.10
C PHE A 217 15.92 -5.35 -13.45
N LEU A 218 16.63 -4.22 -13.53
CA LEU A 218 16.55 -3.40 -14.73
C LEU A 218 17.30 -4.05 -15.91
N ASP A 219 17.98 -5.17 -15.68
CA ASP A 219 18.78 -5.80 -16.73
C ASP A 219 17.99 -6.87 -17.49
N LEU A 220 16.68 -7.00 -17.22
CA LEU A 220 15.87 -7.94 -17.97
C LEU A 220 16.03 -7.66 -19.46
N THR A 221 16.20 -8.72 -20.24
CA THR A 221 16.12 -8.68 -21.71
C THR A 221 14.92 -9.49 -22.17
N TRP A 222 14.46 -9.21 -23.40
CA TRP A 222 13.40 -9.97 -23.94
C TRP A 222 13.88 -11.42 -24.13
N GLU A 223 15.16 -11.57 -24.47
CA GLU A 223 15.76 -12.89 -24.64
C GLU A 223 15.58 -13.72 -23.37
N GLU A 224 15.91 -13.13 -22.21
CA GLU A 224 15.75 -13.86 -20.95
CA GLU A 224 15.74 -13.75 -20.89
C GLU A 224 14.25 -14.03 -20.66
N THR A 225 13.42 -13.03 -20.98
CA THR A 225 12.01 -13.15 -20.77
C THR A 225 11.48 -14.40 -21.47
N LEU A 226 11.88 -14.59 -22.73
CA LEU A 226 11.36 -15.67 -23.57
C LEU A 226 11.75 -17.04 -22.98
N LYS A 227 12.97 -17.13 -22.46
CA LYS A 227 13.43 -18.36 -21.77
C LYS A 227 12.47 -18.71 -20.62
N ASN A 228 12.15 -17.70 -19.82
CA ASN A 228 11.29 -17.90 -18.64
C ASN A 228 9.84 -18.19 -19.03
N LEU A 229 9.39 -17.62 -20.16
CA LEU A 229 8.03 -17.81 -20.62
C LEU A 229 7.83 -19.28 -21.01
N LYS A 230 8.87 -19.87 -21.59
CA LYS A 230 8.86 -21.28 -21.99
C LYS A 230 8.83 -22.16 -20.73
N LEU A 231 9.73 -21.86 -19.78
CA LEU A 231 9.85 -22.65 -18.53
C LEU A 231 8.59 -22.51 -17.67
N ALA A 232 7.92 -21.35 -17.74
CA ALA A 232 6.75 -21.04 -16.92
C ALA A 232 5.58 -21.99 -17.17
N LYS A 233 5.57 -22.65 -18.33
CA LYS A 233 4.51 -23.64 -18.65
C LYS A 233 4.58 -24.85 -17.70
N ASN A 234 5.71 -25.03 -17.02
CA ASN A 234 5.92 -26.12 -16.09
C ASN A 234 5.59 -25.69 -14.66
N PHE A 235 5.19 -24.42 -14.47
CA PHE A 235 4.91 -23.88 -13.13
C PHE A 235 3.45 -23.48 -13.04
N PRO A 236 2.87 -23.45 -11.82
CA PRO A 236 1.46 -23.10 -11.66
C PRO A 236 1.23 -21.57 -11.70
N PHE A 237 1.53 -20.97 -12.85
CA PHE A 237 1.45 -19.52 -13.03
C PHE A 237 0.34 -19.18 -14.02
N GLU A 238 -0.58 -18.31 -13.59
CA GLU A 238 -1.60 -17.83 -14.46
C GLU A 238 -1.12 -16.56 -15.16
N VAL A 239 -0.58 -15.63 -14.38
CA VAL A 239 -0.08 -14.32 -14.83
C VAL A 239 1.43 -14.40 -15.14
N PHE A 240 1.86 -13.75 -16.22
CA PHE A 240 3.27 -13.55 -16.52
C PHE A 240 3.52 -12.04 -16.68
N GLN A 241 4.20 -11.41 -15.73
CA GLN A 241 4.19 -9.96 -15.57
C GLN A 241 5.59 -9.41 -15.82
N ILE A 242 5.69 -8.52 -16.81
CA ILE A 242 6.91 -7.82 -17.11
C ILE A 242 7.01 -6.64 -16.14
N ASP A 243 8.16 -6.51 -15.49
CA ASP A 243 8.37 -5.44 -14.55
C ASP A 243 9.20 -4.33 -15.20
N ASP A 244 9.56 -3.32 -14.42
CA ASP A 244 10.46 -2.23 -14.80
C ASP A 244 11.70 -2.78 -15.52
N ALA A 245 11.96 -2.29 -16.73
CA ALA A 245 13.10 -2.67 -17.59
C ALA A 245 12.80 -2.40 -19.08
N TYR A 246 11.55 -2.62 -19.49
CA TYR A 246 11.17 -2.68 -20.94
C TYR A 246 11.07 -1.26 -21.55
N GLU A 247 10.79 -0.27 -20.70
CA GLU A 247 10.35 1.06 -21.12
C GLU A 247 11.57 1.97 -21.33
N LYS A 248 11.46 2.87 -22.33
CA LYS A 248 12.58 3.77 -22.70
C LYS A 248 12.78 4.81 -21.58
N ASP A 249 11.70 5.24 -20.94
CA ASP A 249 11.80 6.20 -19.86
C ASP A 249 10.52 6.16 -19.02
N ILE A 250 10.58 6.80 -17.85
CA ILE A 250 9.48 6.83 -16.89
C ILE A 250 8.46 7.87 -17.35
N GLY A 251 7.30 7.38 -17.84
CA GLY A 251 6.29 8.16 -18.44
C GLY A 251 6.06 7.78 -19.90
N ASP A 252 7.07 7.19 -20.53
CA ASP A 252 6.98 6.79 -21.95
C ASP A 252 6.68 5.28 -21.99
N TRP A 253 5.47 4.91 -21.56
CA TRP A 253 5.10 3.52 -21.28
C TRP A 253 4.94 2.71 -22.56
N LEU A 254 4.66 3.40 -23.68
CA LEU A 254 4.35 2.71 -24.92
C LEU A 254 5.54 2.72 -25.88
N VAL A 255 6.73 3.07 -25.38
CA VAL A 255 8.01 3.09 -26.13
C VAL A 255 8.98 2.14 -25.42
N THR A 256 9.44 1.10 -26.12
CA THR A 256 10.34 0.18 -25.50
C THR A 256 11.80 0.50 -25.86
N ARG A 257 12.72 -0.24 -25.24
CA ARG A 257 14.17 -0.07 -25.38
C ARG A 257 14.83 -1.44 -25.60
N GLY A 258 16.12 -1.43 -25.95
CA GLY A 258 16.94 -2.63 -25.93
C GLY A 258 16.43 -3.64 -26.93
N ASP A 259 16.33 -4.91 -26.52
CA ASP A 259 15.95 -5.96 -27.44
C ASP A 259 14.44 -6.25 -27.33
N PHE A 260 13.67 -5.38 -26.67
CA PHE A 260 12.24 -5.63 -26.48
C PHE A 260 11.48 -5.35 -27.77
N PRO A 261 10.41 -6.11 -28.06
CA PRO A 261 9.46 -5.70 -29.08
C PRO A 261 8.59 -4.54 -28.61
N SER A 262 7.55 -4.27 -29.39
CA SER A 262 6.58 -3.24 -29.02
C SER A 262 5.84 -3.72 -27.77
N VAL A 263 5.22 -2.79 -27.04
CA VAL A 263 4.43 -3.19 -25.89
C VAL A 263 3.26 -4.08 -26.31
N GLU A 264 2.66 -3.82 -27.48
CA GLU A 264 1.61 -4.67 -27.99
C GLU A 264 2.14 -6.07 -28.32
N GLU A 265 3.35 -6.16 -28.88
CA GLU A 265 3.92 -7.43 -29.33
C GLU A 265 4.24 -8.32 -28.14
N MET A 266 4.71 -7.70 -27.05
CA MET A 266 4.97 -8.41 -25.81
C MET A 266 3.70 -9.10 -25.32
N ALA A 267 2.58 -8.38 -25.33
CA ALA A 267 1.32 -8.94 -24.88
C ALA A 267 0.94 -10.16 -25.72
N LYS A 268 1.17 -10.06 -27.03
CA LYS A 268 0.69 -11.08 -27.95
C LYS A 268 1.54 -12.36 -27.78
N VAL A 269 2.86 -12.20 -27.55
CA VAL A 269 3.74 -13.33 -27.34
C VAL A 269 3.32 -14.02 -26.04
N ILE A 270 3.09 -13.22 -25.00
CA ILE A 270 2.73 -13.75 -23.68
C ILE A 270 1.42 -14.51 -23.81
N ALA A 271 0.40 -13.89 -24.43
CA ALA A 271 -0.92 -14.50 -24.58
C ALA A 271 -0.83 -15.78 -25.44
N GLU A 272 -0.01 -15.73 -26.51
CA GLU A 272 0.14 -16.87 -27.41
C GLU A 272 0.65 -18.07 -26.61
N ASN A 273 1.45 -17.80 -25.56
CA ASN A 273 2.06 -18.83 -24.74
C ASN A 273 1.11 -19.26 -23.60
N GLY A 274 -0.09 -18.69 -23.55
CA GLY A 274 -1.16 -19.20 -22.70
C GLY A 274 -1.18 -18.57 -21.31
N PHE A 275 -0.56 -17.38 -21.14
CA PHE A 275 -0.54 -16.67 -19.87
C PHE A 275 -1.35 -15.39 -19.98
N ILE A 276 -1.79 -14.87 -18.84
CA ILE A 276 -2.38 -13.58 -18.77
C ILE A 276 -1.25 -12.56 -18.80
N PRO A 277 -1.24 -11.62 -19.76
CA PRO A 277 -0.15 -10.65 -19.82
C PRO A 277 -0.27 -9.63 -18.67
N GLY A 278 0.85 -9.43 -17.96
CA GLY A 278 0.95 -8.42 -16.91
C GLY A 278 2.02 -7.40 -17.24
N ILE A 279 1.78 -6.14 -16.87
CA ILE A 279 2.76 -5.11 -17.12
C ILE A 279 2.82 -4.14 -15.96
N TRP A 280 4.04 -3.61 -15.78
CA TRP A 280 4.42 -2.66 -14.75
C TRP A 280 4.45 -1.27 -15.36
N THR A 281 3.86 -0.29 -14.66
CA THR A 281 4.03 1.10 -14.94
C THR A 281 4.19 1.85 -13.62
N ALA A 282 4.63 3.11 -13.72
CA ALA A 282 4.60 4.07 -12.63
C ALA A 282 3.77 5.27 -13.08
N PRO A 283 2.43 5.12 -13.11
CA PRO A 283 1.59 5.90 -14.01
C PRO A 283 1.41 7.37 -13.63
N PHE A 284 1.70 7.70 -12.38
CA PHE A 284 1.62 9.06 -11.92
C PHE A 284 3.00 9.75 -11.94
N SER A 285 4.00 9.11 -12.55
CA SER A 285 5.39 9.59 -12.52
C SER A 285 5.82 9.88 -13.96
N VAL A 286 6.47 11.04 -14.15
CA VAL A 286 7.16 11.36 -15.40
C VAL A 286 8.54 11.94 -15.05
N SER A 287 9.58 11.36 -15.65
CA SER A 287 10.94 11.77 -15.40
C SER A 287 11.26 13.07 -16.16
N GLU A 288 12.25 13.79 -15.68
CA GLU A 288 12.70 15.05 -16.29
C GLU A 288 13.17 14.83 -17.73
N THR A 289 13.59 13.60 -18.06
CA THR A 289 14.09 13.30 -19.41
C THR A 289 12.99 12.75 -20.34
N SER A 290 11.84 12.35 -19.79
CA SER A 290 10.87 11.64 -20.59
C SER A 290 10.33 12.52 -21.74
N ASP A 291 9.87 11.83 -22.80
CA ASP A 291 9.16 12.51 -23.88
C ASP A 291 7.89 13.18 -23.33
N VAL A 292 7.08 12.43 -22.57
CA VAL A 292 5.82 13.01 -22.16
C VAL A 292 6.07 14.32 -21.39
N PHE A 293 7.06 14.35 -20.50
CA PHE A 293 7.23 15.55 -19.68
C PHE A 293 7.73 16.71 -20.56
N ASN A 294 8.60 16.38 -21.50
CA ASN A 294 9.26 17.39 -22.31
C ASN A 294 8.25 17.97 -23.30
N GLU A 295 7.27 17.15 -23.70
CA GLU A 295 6.17 17.60 -24.53
C GLU A 295 5.13 18.41 -23.73
N HIS A 296 4.95 18.09 -22.43
CA HIS A 296 3.87 18.63 -21.62
C HIS A 296 4.36 19.10 -20.28
N PRO A 297 5.20 20.15 -20.22
CA PRO A 297 5.80 20.57 -18.96
C PRO A 297 4.76 21.12 -17.96
N ASP A 298 3.56 21.43 -18.42
CA ASP A 298 2.52 21.97 -17.54
C ASP A 298 1.57 20.85 -17.05
N TRP A 299 1.94 19.59 -17.29
CA TRP A 299 1.14 18.43 -16.81
C TRP A 299 1.49 18.01 -15.38
N VAL A 300 2.44 18.70 -14.72
CA VAL A 300 2.98 18.21 -13.46
C VAL A 300 2.60 19.15 -12.31
N VAL A 301 2.65 18.58 -11.09
CA VAL A 301 2.51 19.34 -9.87
C VAL A 301 3.68 20.29 -9.77
N LYS A 302 3.42 21.48 -9.22
CA LYS A 302 4.37 22.57 -9.27
C LYS A 302 4.63 23.12 -7.88
N GLU A 303 5.76 23.81 -7.76
CA GLU A 303 6.14 24.55 -6.60
C GLU A 303 6.73 25.89 -7.06
N ASN A 304 6.09 26.98 -6.65
CA ASN A 304 6.48 28.31 -7.08
C ASN A 304 6.44 28.38 -8.60
N GLY A 305 5.38 27.82 -9.20
CA GLY A 305 5.13 27.88 -10.64
C GLY A 305 5.98 26.92 -11.46
N GLU A 306 6.90 26.17 -10.83
CA GLU A 306 7.91 25.31 -11.52
C GLU A 306 7.73 23.85 -11.10
N PRO A 307 8.10 22.88 -11.96
CA PRO A 307 7.89 21.46 -11.67
C PRO A 307 8.48 21.10 -10.31
N LYS A 308 7.72 20.37 -9.51
CA LYS A 308 8.14 20.00 -8.18
C LYS A 308 8.57 18.55 -8.19
N MET A 309 9.81 18.29 -7.78
CA MET A 309 10.31 16.90 -7.71
C MET A 309 9.47 16.09 -6.73
N ALA A 310 8.89 14.98 -7.19
CA ALA A 310 8.08 14.11 -6.31
C ALA A 310 8.97 13.11 -5.56
N TYR A 311 10.06 12.69 -6.22
CA TYR A 311 11.11 11.80 -5.71
C TYR A 311 12.23 11.73 -6.76
N ARG A 312 13.37 11.13 -6.37
CA ARG A 312 14.49 10.90 -7.26
CA ARG A 312 14.51 10.90 -7.24
C ARG A 312 14.78 9.40 -7.30
N ASN A 313 14.67 8.84 -8.51
CA ASN A 313 14.93 7.43 -8.73
C ASN A 313 15.40 7.26 -10.18
N TRP A 314 16.01 6.12 -10.49
CA TRP A 314 16.61 5.85 -11.83
C TRP A 314 17.61 6.96 -12.19
N ASN A 315 18.19 7.59 -11.16
CA ASN A 315 19.22 8.65 -11.32
C ASN A 315 18.65 9.86 -12.07
N LYS A 316 17.38 10.17 -11.79
CA LYS A 316 16.67 11.26 -12.47
C LYS A 316 15.71 11.91 -11.46
N LYS A 317 15.44 13.20 -11.66
CA LYS A 317 14.34 13.80 -10.98
C LYS A 317 13.05 13.25 -11.61
N ILE A 318 12.11 12.87 -10.75
CA ILE A 318 10.82 12.36 -11.21
C ILE A 318 9.75 13.33 -10.72
N TYR A 319 8.86 13.70 -11.64
CA TYR A 319 7.81 14.64 -11.37
C TYR A 319 6.48 13.88 -11.30
N ALA A 320 5.51 14.51 -10.66
CA ALA A 320 4.20 13.95 -10.47
C ALA A 320 3.23 14.57 -11.47
N LEU A 321 2.44 13.72 -12.15
CA LEU A 321 1.34 14.17 -12.95
C LEU A 321 0.30 14.85 -12.06
N ASP A 322 -0.21 15.97 -12.55
CA ASP A 322 -1.22 16.77 -11.90
C ASP A 322 -2.57 16.19 -12.30
N LEU A 323 -3.14 15.37 -11.40
CA LEU A 323 -4.31 14.58 -11.69
C LEU A 323 -5.60 15.41 -11.57
N SER A 324 -5.48 16.70 -11.29
CA SER A 324 -6.61 17.63 -11.40
C SER A 324 -6.84 18.10 -12.84
N LYS A 325 -5.87 17.84 -13.73
CA LYS A 325 -5.98 18.33 -15.12
C LYS A 325 -6.72 17.28 -15.98
N ASP A 326 -7.72 17.73 -16.74
CA ASP A 326 -8.46 16.83 -17.64
C ASP A 326 -7.55 16.25 -18.73
N GLU A 327 -6.57 17.03 -19.21
CA GLU A 327 -5.67 16.56 -20.28
CA GLU A 327 -5.61 16.61 -20.25
C GLU A 327 -4.87 15.35 -19.78
N VAL A 328 -4.44 15.40 -18.52
CA VAL A 328 -3.65 14.35 -17.86
C VAL A 328 -4.53 13.09 -17.68
N LEU A 329 -5.74 13.27 -17.16
CA LEU A 329 -6.65 12.13 -16.95
C LEU A 329 -6.98 11.47 -18.29
N ASN A 330 -7.22 12.28 -19.32
CA ASN A 330 -7.49 11.73 -20.67
C ASN A 330 -6.30 10.91 -21.15
N TRP A 331 -5.09 11.43 -20.91
CA TRP A 331 -3.88 10.73 -21.30
C TRP A 331 -3.79 9.37 -20.60
N LEU A 332 -4.05 9.37 -19.28
CA LEU A 332 -4.04 8.12 -18.49
C LEU A 332 -5.09 7.17 -19.04
N PHE A 333 -6.30 7.69 -19.27
CA PHE A 333 -7.36 6.86 -19.75
C PHE A 333 -6.93 6.21 -21.08
N ASP A 334 -6.42 7.04 -21.99
CA ASP A 334 -6.01 6.56 -23.32
CA ASP A 334 -5.96 6.58 -23.32
C ASP A 334 -4.92 5.49 -23.17
N LEU A 335 -3.93 5.73 -22.29
CA LEU A 335 -2.81 4.80 -22.05
C LEU A 335 -3.35 3.42 -21.63
N PHE A 336 -4.12 3.40 -20.55
CA PHE A 336 -4.52 2.15 -19.97
C PHE A 336 -5.53 1.46 -20.89
N SER A 337 -6.38 2.26 -21.57
CA SER A 337 -7.28 1.71 -22.59
CA SER A 337 -7.27 1.74 -22.63
C SER A 337 -6.47 0.96 -23.66
N SER A 338 -5.38 1.59 -24.15
CA SER A 338 -4.50 1.03 -25.18
CA SER A 338 -4.55 1.01 -25.19
C SER A 338 -3.96 -0.32 -24.71
N LEU A 339 -3.43 -0.33 -23.46
CA LEU A 339 -2.87 -1.53 -22.87
C LEU A 339 -3.93 -2.63 -22.76
N ARG A 340 -5.15 -2.27 -22.37
CA ARG A 340 -6.22 -3.27 -22.27
C ARG A 340 -6.51 -3.83 -23.67
N LYS A 341 -6.59 -2.95 -24.66
CA LYS A 341 -6.74 -3.36 -26.08
C LYS A 341 -5.67 -4.37 -26.50
N MET A 342 -4.44 -4.20 -26.03
CA MET A 342 -3.37 -5.08 -26.44
C MET A 342 -3.52 -6.47 -25.83
N GLY A 343 -4.28 -6.57 -24.74
CA GLY A 343 -4.49 -7.87 -24.09
C GLY A 343 -4.00 -7.91 -22.64
N TYR A 344 -3.38 -6.82 -22.15
CA TYR A 344 -2.95 -6.83 -20.72
C TYR A 344 -4.21 -6.89 -19.85
N ARG A 345 -4.16 -7.75 -18.82
CA ARG A 345 -5.25 -7.88 -17.86
C ARG A 345 -4.72 -7.89 -16.41
N TYR A 346 -3.45 -7.58 -16.21
CA TYR A 346 -2.82 -7.48 -14.89
C TYR A 346 -1.87 -6.29 -14.89
N PHE A 347 -2.13 -5.32 -14.01
CA PHE A 347 -1.45 -4.04 -14.03
C PHE A 347 -0.82 -3.78 -12.67
N LYS A 348 0.50 -3.83 -12.62
CA LYS A 348 1.21 -3.42 -11.44
C LYS A 348 1.52 -1.94 -11.61
N ILE A 349 0.92 -1.13 -10.74
CA ILE A 349 1.02 0.33 -10.85
C ILE A 349 1.74 0.86 -9.61
N ASP A 350 2.93 1.43 -9.85
CA ASP A 350 3.93 1.67 -8.82
C ASP A 350 4.11 3.19 -8.60
N PHE A 351 4.79 3.50 -7.50
CA PHE A 351 5.07 4.88 -7.07
C PHE A 351 3.80 5.73 -7.10
N LEU A 352 2.66 5.15 -6.66
CA LEU A 352 1.42 5.87 -6.76
C LEU A 352 1.45 7.11 -5.86
N PHE A 353 2.26 7.10 -4.78
CA PHE A 353 2.31 8.24 -3.84
C PHE A 353 2.59 9.56 -4.58
N ALA A 354 3.28 9.47 -5.72
CA ALA A 354 3.64 10.64 -6.49
C ALA A 354 2.40 11.48 -6.80
N GLY A 355 1.28 10.81 -7.12
CA GLY A 355 0.07 11.48 -7.49
C GLY A 355 -0.54 12.29 -6.36
N ALA A 356 -0.15 11.97 -5.11
CA ALA A 356 -0.70 12.56 -3.91
C ALA A 356 0.32 13.48 -3.24
N VAL A 357 1.39 13.91 -3.94
CA VAL A 357 2.34 14.79 -3.26
C VAL A 357 1.67 16.13 -3.02
N PRO A 358 1.99 16.82 -1.90
CA PRO A 358 1.52 18.19 -1.70
C PRO A 358 2.17 19.13 -2.72
N GLY A 359 1.40 20.09 -3.22
CA GLY A 359 1.92 21.10 -4.12
C GLY A 359 0.80 21.80 -4.86
N GLU A 360 1.19 22.55 -5.91
CA GLU A 360 0.28 23.40 -6.69
C GLU A 360 -0.26 22.58 -7.87
N ARG A 361 -1.58 22.50 -7.96
CA ARG A 361 -2.29 21.84 -9.05
C ARG A 361 -3.18 22.88 -9.76
N LYS A 362 -3.58 22.58 -11.00
CA LYS A 362 -4.47 23.44 -11.78
CA LYS A 362 -4.47 23.44 -11.78
C LYS A 362 -5.74 23.74 -10.97
N LYS A 363 -6.42 22.68 -10.51
CA LYS A 363 -7.60 22.88 -9.66
C LYS A 363 -7.17 22.91 -8.18
N ASN A 364 -7.86 23.76 -7.39
CA ASN A 364 -7.57 23.90 -5.97
C ASN A 364 -8.29 22.77 -5.22
N ILE A 365 -7.84 21.53 -5.44
CA ILE A 365 -8.35 20.33 -4.78
C ILE A 365 -7.18 19.76 -3.96
N THR A 366 -7.50 18.88 -3.00
CA THR A 366 -6.45 18.27 -2.17
C THR A 366 -5.66 17.27 -3.01
N PRO A 367 -4.42 16.94 -2.62
CA PRO A 367 -3.65 15.90 -3.29
C PRO A 367 -4.36 14.55 -3.22
N ILE A 368 -5.19 14.34 -2.20
CA ILE A 368 -5.92 13.06 -2.07
C ILE A 368 -7.06 13.03 -3.10
N GLN A 369 -7.80 14.13 -3.20
CA GLN A 369 -8.84 14.27 -4.26
C GLN A 369 -8.23 14.02 -5.66
N ALA A 370 -7.04 14.59 -5.90
CA ALA A 370 -6.32 14.41 -7.18
C ALA A 370 -5.98 12.93 -7.38
N PHE A 371 -5.39 12.35 -6.32
CA PHE A 371 -4.99 10.95 -6.34
C PHE A 371 -6.19 10.08 -6.75
N ARG A 372 -7.33 10.34 -6.10
CA ARG A 372 -8.48 9.47 -6.30
C ARG A 372 -8.98 9.59 -7.75
N LYS A 373 -8.99 10.81 -8.32
CA LYS A 373 -9.41 10.98 -9.73
C LYS A 373 -8.52 10.12 -10.65
N GLY A 374 -7.21 10.12 -10.36
CA GLY A 374 -6.23 9.40 -11.15
C GLY A 374 -6.47 7.91 -11.12
N ILE A 375 -6.61 7.35 -9.92
CA ILE A 375 -6.70 5.91 -9.82
C ILE A 375 -8.07 5.44 -10.34
N GLU A 376 -9.09 6.29 -10.21
CA GLU A 376 -10.44 5.97 -10.71
C GLU A 376 -10.41 5.93 -12.25
N THR A 377 -9.64 6.83 -12.86
CA THR A 377 -9.47 6.86 -14.33
C THR A 377 -8.83 5.56 -14.81
N ILE A 378 -7.78 5.11 -14.10
CA ILE A 378 -7.10 3.88 -14.48
C ILE A 378 -8.09 2.71 -14.40
N ARG A 379 -8.83 2.61 -13.30
CA ARG A 379 -9.80 1.53 -13.08
C ARG A 379 -10.84 1.51 -14.22
N LYS A 380 -11.36 2.68 -14.57
CA LYS A 380 -12.34 2.77 -15.64
C LYS A 380 -11.73 2.27 -16.95
N ALA A 381 -10.48 2.65 -17.22
CA ALA A 381 -9.85 2.35 -18.51
C ALA A 381 -9.57 0.85 -18.65
N VAL A 382 -9.12 0.19 -17.56
CA VAL A 382 -8.68 -1.22 -17.72
C VAL A 382 -9.88 -2.15 -17.63
N GLY A 383 -11.00 -1.63 -17.10
CA GLY A 383 -12.27 -2.37 -16.94
C GLY A 383 -12.29 -3.27 -15.70
N GLU A 384 -13.45 -3.89 -15.48
CA GLU A 384 -13.74 -4.70 -14.29
C GLU A 384 -13.04 -6.06 -14.37
N ASP A 385 -12.65 -6.47 -15.57
CA ASP A 385 -12.06 -7.78 -15.82
C ASP A 385 -10.52 -7.73 -15.71
N SER A 386 -9.97 -6.56 -15.39
CA SER A 386 -8.51 -6.43 -15.22
C SER A 386 -8.18 -6.42 -13.72
N PHE A 387 -7.07 -7.04 -13.36
CA PHE A 387 -6.52 -7.00 -11.99
C PHE A 387 -5.56 -5.81 -11.86
N ILE A 388 -5.82 -4.93 -10.89
CA ILE A 388 -4.92 -3.82 -10.57
C ILE A 388 -4.22 -4.12 -9.24
N LEU A 389 -2.89 -4.20 -9.32
CA LEU A 389 -2.02 -4.31 -8.16
C LEU A 389 -1.35 -2.96 -7.91
N GLY A 390 -1.68 -2.34 -6.77
CA GLY A 390 -1.10 -1.11 -6.34
C GLY A 390 0.25 -1.36 -5.70
N CYS A 391 1.17 -0.40 -5.85
CA CYS A 391 2.40 -0.45 -5.06
CA CYS A 391 2.45 -0.46 -5.22
C CYS A 391 2.98 0.95 -4.91
N GLY A 392 3.82 1.09 -3.88
CA GLY A 392 4.32 2.43 -3.47
C GLY A 392 3.19 3.44 -3.34
N SER A 393 2.08 2.99 -2.77
CA SER A 393 0.82 3.65 -2.84
C SER A 393 0.35 4.03 -1.44
N PRO A 394 -0.26 5.23 -1.31
CA PRO A 394 -1.15 5.52 -0.19
C PRO A 394 -2.21 4.43 -0.08
N LEU A 395 -2.47 3.95 1.16
CA LEU A 395 -3.30 2.77 1.33
C LEU A 395 -4.79 3.14 1.30
N LEU A 396 -5.29 3.93 2.26
CA LEU A 396 -6.74 4.15 2.37
C LEU A 396 -7.29 4.72 1.06
N PRO A 397 -6.65 5.71 0.42
CA PRO A 397 -7.23 6.31 -0.77
C PRO A 397 -7.46 5.31 -1.90
N ALA A 398 -6.75 4.18 -1.88
CA ALA A 398 -6.80 3.19 -2.97
C ALA A 398 -7.90 2.15 -2.76
N VAL A 399 -8.47 2.08 -1.54
CA VAL A 399 -9.44 1.03 -1.25
C VAL A 399 -10.68 1.30 -2.12
N GLY A 400 -11.14 0.27 -2.81
CA GLY A 400 -12.27 0.37 -3.75
C GLY A 400 -11.83 0.43 -5.19
N CYS A 401 -10.54 0.68 -5.42
CA CYS A 401 -10.03 0.83 -6.77
CA CYS A 401 -10.03 0.84 -6.77
C CYS A 401 -9.11 -0.33 -7.13
N VAL A 402 -8.15 -0.64 -6.26
CA VAL A 402 -7.23 -1.73 -6.53
C VAL A 402 -7.85 -3.07 -6.13
N ASP A 403 -7.36 -4.15 -6.74
CA ASP A 403 -7.68 -5.51 -6.40
C ASP A 403 -6.67 -6.08 -5.40
N GLY A 404 -5.38 -5.80 -5.62
CA GLY A 404 -4.35 -6.19 -4.70
C GLY A 404 -3.49 -4.98 -4.37
N MET A 405 -2.76 -5.05 -3.26
CA MET A 405 -1.93 -3.92 -2.85
C MET A 405 -0.67 -4.48 -2.19
N ARG A 406 0.50 -4.05 -2.65
CA ARG A 406 1.75 -4.29 -1.93
C ARG A 406 1.65 -3.56 -0.59
N ILE A 407 1.85 -4.31 0.50
CA ILE A 407 1.71 -3.77 1.84
C ILE A 407 3.02 -3.75 2.62
N GLY A 408 4.13 -4.05 1.95
CA GLY A 408 5.44 -4.01 2.57
C GLY A 408 6.51 -3.38 1.70
N PRO A 409 7.69 -3.07 2.28
CA PRO A 409 8.84 -2.70 1.47
C PRO A 409 9.19 -3.87 0.54
N ASP A 410 10.00 -3.59 -0.47
CA ASP A 410 10.40 -4.65 -1.40
C ASP A 410 11.07 -5.78 -0.64
N THR A 411 10.81 -7.00 -1.07
CA THR A 411 11.65 -8.09 -0.68
C THR A 411 12.98 -7.95 -1.46
N ALA A 412 13.85 -8.93 -1.28
CA ALA A 412 15.21 -8.96 -1.86
C ALA A 412 15.75 -10.38 -1.75
N PRO A 413 16.74 -10.75 -2.58
CA PRO A 413 17.37 -12.06 -2.48
C PRO A 413 18.40 -12.16 -1.34
N PHE A 414 18.16 -11.40 -0.28
CA PHE A 414 18.86 -11.55 0.98
C PHE A 414 17.90 -11.22 2.13
N TRP A 415 18.28 -11.64 3.33
CA TRP A 415 17.42 -11.46 4.49
C TRP A 415 17.41 -10.00 4.95
N GLY A 416 18.60 -9.42 5.10
CA GLY A 416 18.80 -8.02 5.56
C GLY A 416 19.07 -7.93 7.05
N GLU A 417 19.98 -8.78 7.54
CA GLU A 417 20.06 -9.15 8.99
C GLU A 417 20.49 -7.95 9.84
N HIS A 418 21.29 -7.08 9.22
CA HIS A 418 21.53 -5.76 9.69
C HIS A 418 21.32 -4.80 8.53
N ILE A 419 20.07 -4.77 8.05
CA ILE A 419 19.52 -3.69 7.24
C ILE A 419 18.53 -2.93 8.12
N GLU A 420 18.57 -1.60 8.05
CA GLU A 420 17.74 -0.78 8.89
C GLU A 420 16.29 -0.93 8.42
N ASP A 421 15.37 -0.67 9.35
CA ASP A 421 13.93 -0.76 9.12
C ASP A 421 13.43 0.61 8.65
N ASN A 422 13.73 0.98 7.40
CA ASN A 422 13.49 2.35 6.88
C ASN A 422 12.69 2.33 5.56
N GLY A 423 12.09 1.18 5.21
CA GLY A 423 11.32 1.02 3.97
C GLY A 423 12.17 0.63 2.75
N ALA A 424 13.46 0.32 2.96
CA ALA A 424 14.33 -0.14 1.87
C ALA A 424 14.20 -1.65 1.68
N PRO A 425 14.63 -2.21 0.51
CA PRO A 425 14.46 -3.64 0.25
C PRO A 425 15.20 -4.56 1.22
N ALA A 426 14.50 -5.62 1.67
CA ALA A 426 15.03 -6.67 2.55
C ALA A 426 13.92 -7.67 2.87
N ALA A 427 14.19 -8.96 2.69
CA ALA A 427 13.13 -9.96 2.90
C ALA A 427 12.56 -9.84 4.31
N ARG A 428 13.42 -9.52 5.30
CA ARG A 428 13.08 -9.53 6.72
CA ARG A 428 13.00 -9.61 6.68
C ARG A 428 11.99 -8.49 7.00
N TRP A 429 12.14 -7.31 6.40
CA TRP A 429 11.23 -6.20 6.66
C TRP A 429 9.97 -6.28 5.77
N ALA A 430 10.11 -6.80 4.54
CA ALA A 430 8.93 -7.09 3.72
C ALA A 430 8.01 -8.05 4.49
N LEU A 431 8.58 -9.12 5.06
CA LEU A 431 7.75 -10.10 5.76
C LEU A 431 7.13 -9.51 7.02
N ARG A 432 7.89 -8.70 7.75
CA ARG A 432 7.35 -8.02 8.95
C ARG A 432 6.05 -7.27 8.60
N ASN A 433 6.05 -6.46 7.52
CA ASN A 433 4.85 -5.70 7.18
C ASN A 433 3.69 -6.61 6.73
N ALA A 434 3.97 -7.73 6.04
CA ALA A 434 2.94 -8.68 5.67
C ALA A 434 2.22 -9.16 6.94
N ILE A 435 2.97 -9.26 8.02
CA ILE A 435 2.43 -9.74 9.32
C ILE A 435 1.66 -8.61 10.00
N THR A 436 2.27 -7.43 10.12
CA THR A 436 1.60 -6.37 10.87
C THR A 436 0.41 -5.75 10.13
N ARG A 437 0.36 -5.83 8.79
CA ARG A 437 -0.81 -5.35 8.01
C ARG A 437 -1.70 -6.51 7.56
N TYR A 438 -1.59 -7.67 8.22
CA TYR A 438 -2.34 -8.86 7.81
C TYR A 438 -3.86 -8.59 7.73
N PHE A 439 -4.36 -7.73 8.61
CA PHE A 439 -5.78 -7.56 8.81
C PHE A 439 -6.43 -6.87 7.60
N MET A 440 -5.62 -6.21 6.75
CA MET A 440 -6.13 -5.54 5.56
C MET A 440 -6.54 -6.58 4.51
N HIS A 441 -5.94 -7.76 4.59
CA HIS A 441 -6.14 -8.81 3.60
C HIS A 441 -7.59 -9.29 3.59
N ASP A 442 -8.18 -9.38 2.39
CA ASP A 442 -9.54 -9.87 2.17
C ASP A 442 -10.55 -8.92 2.82
N ARG A 443 -10.11 -7.71 3.17
CA ARG A 443 -11.00 -6.68 3.63
C ARG A 443 -10.81 -5.41 2.77
N PHE A 444 -9.58 -4.88 2.68
CA PHE A 444 -9.31 -3.70 1.86
C PHE A 444 -9.18 -4.11 0.39
N TRP A 445 -8.74 -5.34 0.17
CA TRP A 445 -8.11 -5.83 -1.08
C TRP A 445 -7.46 -7.18 -0.78
N LEU A 446 -6.77 -7.76 -1.77
CA LEU A 446 -5.83 -8.85 -1.52
C LEU A 446 -4.49 -8.22 -1.15
N ASN A 447 -3.93 -8.64 -0.03
CA ASN A 447 -2.58 -8.26 0.36
C ASN A 447 -1.54 -8.92 -0.55
N ASP A 448 -0.61 -8.12 -1.05
CA ASP A 448 0.54 -8.61 -1.78
C ASP A 448 1.77 -8.47 -0.89
N PRO A 449 2.37 -9.60 -0.46
CA PRO A 449 3.49 -9.57 0.48
C PRO A 449 4.86 -9.49 -0.22
N ASP A 450 4.79 -9.33 -1.55
CA ASP A 450 5.87 -9.31 -2.49
C ASP A 450 6.28 -10.73 -2.85
N CYS A 451 7.14 -10.83 -3.87
CA CYS A 451 7.39 -12.06 -4.59
C CYS A 451 8.19 -13.06 -3.74
N LEU A 452 7.89 -14.35 -3.93
CA LEU A 452 8.70 -15.44 -3.43
C LEU A 452 9.91 -15.57 -4.34
N ILE A 453 11.08 -15.69 -3.70
CA ILE A 453 12.37 -15.87 -4.34
C ILE A 453 12.90 -17.26 -3.94
N LEU A 454 12.63 -18.25 -4.80
CA LEU A 454 12.78 -19.64 -4.46
C LEU A 454 13.92 -20.29 -5.24
N ARG A 455 14.70 -19.53 -6.01
CA ARG A 455 15.83 -20.09 -6.78
C ARG A 455 16.87 -20.68 -5.83
N GLU A 456 17.64 -21.66 -6.33
CA GLU A 456 18.65 -22.39 -5.52
C GLU A 456 19.99 -21.64 -5.55
N GLU A 457 20.20 -20.80 -6.56
CA GLU A 457 21.47 -20.12 -6.85
C GLU A 457 21.17 -18.64 -7.11
N LYS A 458 22.23 -17.82 -7.16
CA LYS A 458 22.14 -16.39 -7.37
C LYS A 458 21.17 -15.80 -6.35
N THR A 459 21.33 -16.25 -5.11
CA THR A 459 20.54 -15.78 -3.99
C THR A 459 21.40 -15.83 -2.72
N ASP A 460 21.16 -14.92 -1.78
CA ASP A 460 21.72 -15.03 -0.43
C ASP A 460 20.67 -15.48 0.60
N LEU A 461 19.49 -15.90 0.14
CA LEU A 461 18.45 -16.46 1.02
C LEU A 461 18.79 -17.92 1.27
N THR A 462 18.64 -18.36 2.52
CA THR A 462 18.86 -19.75 2.91
C THR A 462 17.56 -20.52 2.66
N GLN A 463 17.64 -21.85 2.57
CA GLN A 463 16.45 -22.64 2.35
C GLN A 463 15.45 -22.39 3.49
N LYS A 464 15.95 -22.22 4.72
CA LYS A 464 15.06 -22.04 5.86
C LYS A 464 14.35 -20.67 5.76
N GLU A 465 15.06 -19.65 5.25
CA GLU A 465 14.48 -18.33 5.06
C GLU A 465 13.40 -18.38 3.98
N LYS A 466 13.66 -19.11 2.89
CA LYS A 466 12.71 -19.24 1.80
C LYS A 466 11.41 -19.87 2.30
N GLU A 467 11.56 -20.86 3.19
CA GLU A 467 10.46 -21.58 3.74
C GLU A 467 9.66 -20.63 4.64
N LEU A 468 10.38 -19.95 5.52
CA LEU A 468 9.77 -19.04 6.50
CA LEU A 468 9.77 -19.05 6.50
C LEU A 468 8.92 -18.01 5.77
N TYR A 469 9.51 -17.37 4.75
CA TYR A 469 8.85 -16.31 4.01
C TYR A 469 7.60 -16.89 3.33
N SER A 470 7.80 -17.96 2.57
CA SER A 470 6.76 -18.53 1.70
C SER A 470 5.60 -19.09 2.52
N TYR A 471 5.93 -19.86 3.57
CA TYR A 471 4.90 -20.50 4.36
C TYR A 471 4.08 -19.46 5.14
N THR A 472 4.75 -18.41 5.63
CA THR A 472 4.07 -17.31 6.29
C THR A 472 3.03 -16.69 5.32
N CYS A 473 3.47 -16.37 4.10
CA CYS A 473 2.61 -15.74 3.10
C CYS A 473 1.41 -16.65 2.81
N GLY A 474 1.64 -17.97 2.75
CA GLY A 474 0.57 -18.92 2.48
C GLY A 474 -0.46 -18.95 3.59
N VAL A 475 0.02 -18.99 4.83
CA VAL A 475 -0.85 -19.01 6.00
C VAL A 475 -1.68 -17.72 6.02
N LEU A 476 -1.05 -16.61 5.65
CA LEU A 476 -1.74 -15.29 5.62
C LEU A 476 -2.72 -15.16 4.46
N ASP A 477 -2.81 -16.18 3.59
CA ASP A 477 -3.71 -16.23 2.40
C ASP A 477 -3.33 -15.15 1.36
N ASN A 478 -2.11 -14.62 1.46
CA ASN A 478 -1.67 -13.46 0.66
C ASN A 478 -1.42 -13.89 -0.80
N MET A 479 -1.36 -12.92 -1.71
CA MET A 479 -1.00 -13.21 -3.09
C MET A 479 0.36 -13.92 -3.14
N ILE A 480 0.43 -14.95 -3.99
CA ILE A 480 1.64 -15.70 -4.24
C ILE A 480 2.08 -15.49 -5.71
N ILE A 481 3.13 -14.69 -5.87
CA ILE A 481 3.81 -14.44 -7.14
C ILE A 481 5.29 -14.79 -6.99
N GLU A 482 5.87 -15.54 -7.95
CA GLU A 482 7.26 -15.96 -7.88
C GLU A 482 8.09 -15.06 -8.79
N SER A 483 9.32 -14.74 -8.37
CA SER A 483 10.23 -13.91 -9.16
C SER A 483 11.65 -14.49 -9.12
N ASP A 484 11.97 -15.27 -10.16
CA ASP A 484 13.18 -16.06 -10.28
C ASP A 484 13.49 -16.29 -11.77
N ASP A 485 14.78 -16.41 -12.07
CA ASP A 485 15.20 -17.18 -13.24
C ASP A 485 14.76 -18.62 -13.04
N LEU A 486 13.72 -19.03 -13.77
CA LEU A 486 13.07 -20.30 -13.55
C LEU A 486 14.03 -21.46 -13.85
N SER A 487 15.14 -21.17 -14.52
CA SER A 487 16.21 -22.15 -14.84
CA SER A 487 16.12 -22.23 -14.83
C SER A 487 16.87 -22.61 -13.55
N LEU A 488 16.80 -21.75 -12.52
CA LEU A 488 17.55 -21.92 -11.28
C LEU A 488 16.65 -22.38 -10.13
N VAL A 489 15.40 -22.71 -10.44
CA VAL A 489 14.49 -23.22 -9.46
C VAL A 489 14.40 -24.72 -9.71
N ARG A 490 14.88 -25.53 -8.76
CA ARG A 490 14.87 -26.99 -8.85
CA ARG A 490 14.84 -27.00 -8.89
C ARG A 490 13.92 -27.56 -7.80
N ASP A 491 14.22 -28.77 -7.31
CA ASP A 491 13.30 -29.55 -6.51
C ASP A 491 12.88 -28.76 -5.26
N HIS A 492 13.83 -28.14 -4.56
CA HIS A 492 13.57 -27.52 -3.26
C HIS A 492 12.60 -26.33 -3.45
N GLY A 493 12.85 -25.51 -4.48
CA GLY A 493 12.04 -24.34 -4.82
C GLY A 493 10.63 -24.73 -5.22
N LYS A 494 10.53 -25.80 -6.02
CA LYS A 494 9.25 -26.24 -6.51
C LYS A 494 8.40 -26.77 -5.35
N LYS A 495 9.05 -27.49 -4.43
CA LYS A 495 8.37 -28.07 -3.26
C LYS A 495 7.88 -26.94 -2.34
N VAL A 496 8.73 -25.95 -2.07
CA VAL A 496 8.30 -24.81 -1.24
C VAL A 496 7.05 -24.15 -1.85
N LEU A 497 7.02 -23.92 -3.17
CA LEU A 497 5.87 -23.29 -3.79
C LEU A 497 4.65 -24.20 -3.63
N LYS A 498 4.82 -25.49 -3.85
CA LYS A 498 3.71 -26.46 -3.80
C LYS A 498 3.06 -26.42 -2.41
N GLU A 499 3.91 -26.46 -1.40
CA GLU A 499 3.46 -26.51 0.00
C GLU A 499 2.80 -25.17 0.36
N THR A 500 3.37 -24.07 -0.18
CA THR A 500 2.83 -22.72 0.06
C THR A 500 1.37 -22.68 -0.40
N LEU A 501 1.11 -23.14 -1.62
CA LEU A 501 -0.21 -22.98 -2.21
C LEU A 501 -1.24 -23.82 -1.46
N GLU A 502 -0.75 -24.86 -0.77
CA GLU A 502 -1.61 -25.75 0.07
C GLU A 502 -2.07 -25.07 1.37
N LEU A 503 -1.44 -23.94 1.74
CA LEU A 503 -1.71 -23.22 3.00
C LEU A 503 -2.71 -22.07 2.77
N LEU A 504 -3.03 -21.75 1.51
CA LEU A 504 -3.93 -20.68 1.13
C LEU A 504 -5.37 -21.04 1.51
N GLY A 505 -6.23 -20.02 1.51
CA GLY A 505 -7.67 -20.16 1.46
C GLY A 505 -8.33 -19.87 2.79
N GLY A 506 -7.51 -19.57 3.81
CA GLY A 506 -7.99 -19.48 5.17
C GLY A 506 -8.26 -18.04 5.61
N ARG A 507 -8.63 -17.90 6.88
CA ARG A 507 -8.84 -16.61 7.54
C ARG A 507 -7.78 -16.45 8.61
N PRO A 508 -6.72 -15.66 8.36
CA PRO A 508 -5.59 -15.59 9.27
C PRO A 508 -5.85 -14.61 10.43
N ARG A 509 -5.12 -14.80 11.52
CA ARG A 509 -5.01 -13.83 12.60
C ARG A 509 -3.60 -13.91 13.19
N VAL A 510 -2.97 -12.75 13.34
CA VAL A 510 -1.73 -12.61 14.08
C VAL A 510 -2.14 -12.34 15.53
N GLN A 511 -1.87 -13.32 16.39
CA GLN A 511 -2.49 -13.35 17.72
C GLN A 511 -1.79 -12.37 18.65
N ASN A 512 -0.53 -12.04 18.36
CA ASN A 512 0.26 -11.16 19.18
C ASN A 512 0.78 -10.00 18.32
N ILE A 513 -0.17 -9.22 17.79
CA ILE A 513 0.10 -8.12 16.86
C ILE A 513 0.99 -7.03 17.50
N MET A 514 0.97 -6.88 18.83
CA MET A 514 1.77 -5.83 19.51
C MET A 514 3.17 -6.33 19.89
N SER A 515 3.56 -7.52 19.41
CA SER A 515 4.91 -8.08 19.68
C SER A 515 5.99 -7.08 19.27
N GLU A 516 7.02 -6.93 20.12
CA GLU A 516 8.16 -6.08 19.86
C GLU A 516 9.45 -6.88 19.60
N ASP A 517 9.40 -8.23 19.62
CA ASP A 517 10.62 -9.02 19.46
C ASP A 517 10.58 -9.82 18.14
N LEU A 518 9.71 -9.42 17.22
CA LEU A 518 9.63 -10.01 15.87
C LEU A 518 9.34 -11.52 15.94
N ARG A 519 8.71 -11.98 17.02
CA ARG A 519 8.22 -13.34 17.07
C ARG A 519 6.69 -13.27 17.12
N TYR A 520 6.05 -14.00 16.21
CA TYR A 520 4.64 -13.90 15.98
C TYR A 520 4.02 -15.29 15.94
N GLU A 521 2.85 -15.41 16.56
CA GLU A 521 2.01 -16.59 16.45
CA GLU A 521 2.01 -16.58 16.47
C GLU A 521 0.87 -16.28 15.49
N ILE A 522 0.78 -17.05 14.42
CA ILE A 522 -0.18 -16.80 13.36
C ILE A 522 -1.06 -18.02 13.15
N VAL A 523 -2.37 -17.85 13.25
CA VAL A 523 -3.29 -18.94 12.94
C VAL A 523 -4.08 -18.60 11.68
N SER A 524 -4.53 -19.64 10.98
CA SER A 524 -5.41 -19.47 9.89
C SER A 524 -6.41 -20.63 9.84
N SER A 525 -7.69 -20.29 9.86
CA SER A 525 -8.77 -21.29 9.88
C SER A 525 -9.23 -21.57 8.45
N GLY A 526 -9.50 -22.84 8.12
CA GLY A 526 -10.21 -23.21 6.91
C GLY A 526 -9.34 -23.07 5.65
N THR A 527 -8.04 -23.32 5.77
CA THR A 527 -7.13 -23.39 4.60
C THR A 527 -7.39 -24.68 3.84
N LEU A 528 -6.76 -24.80 2.67
CA LEU A 528 -6.81 -26.04 1.92
C LEU A 528 -6.15 -27.18 2.72
N SER A 529 -5.42 -26.85 3.79
CA SER A 529 -4.78 -27.84 4.66
C SER A 529 -5.44 -27.84 6.05
N GLY A 530 -6.66 -27.32 6.12
CA GLY A 530 -7.40 -27.25 7.37
C GLY A 530 -6.96 -26.05 8.19
N ASN A 531 -7.20 -26.13 9.50
CA ASN A 531 -6.76 -25.14 10.47
C ASN A 531 -5.26 -25.27 10.71
N VAL A 532 -4.54 -24.15 10.61
CA VAL A 532 -3.09 -24.19 10.65
C VAL A 532 -2.61 -23.11 11.62
N LYS A 533 -1.41 -23.34 12.15
CA LYS A 533 -0.75 -22.36 13.00
C LYS A 533 0.73 -22.34 12.61
N ILE A 534 1.29 -21.14 12.46
CA ILE A 534 2.69 -21.00 12.26
C ILE A 534 3.22 -19.99 13.27
N VAL A 535 4.26 -20.41 14.00
CA VAL A 535 4.98 -19.53 14.86
C VAL A 535 6.30 -19.18 14.17
N VAL A 536 6.56 -17.87 14.04
CA VAL A 536 7.70 -17.41 13.29
C VAL A 536 8.54 -16.47 14.16
N ASP A 537 9.85 -16.50 13.91
CA ASP A 537 10.78 -15.63 14.56
C ASP A 537 11.71 -15.03 13.50
N LEU A 538 11.54 -13.73 13.23
CA LEU A 538 12.21 -13.06 12.11
C LEU A 538 13.64 -12.68 12.53
N ASN A 539 13.96 -12.76 13.84
CA ASN A 539 15.36 -12.47 14.31
C ASN A 539 16.23 -13.72 14.11
N SER A 540 15.75 -14.83 14.65
CA SER A 540 16.40 -16.14 14.58
C SER A 540 16.16 -16.82 13.23
N ARG A 541 15.13 -16.40 12.48
CA ARG A 541 14.83 -16.95 11.14
C ARG A 541 14.43 -18.41 11.28
N GLU A 542 13.52 -18.66 12.22
CA GLU A 542 12.98 -19.96 12.50
C GLU A 542 11.45 -19.91 12.35
N TYR A 543 10.85 -21.05 11.97
CA TYR A 543 9.42 -21.20 12.02
C TYR A 543 9.07 -22.59 12.57
N HIS A 544 7.81 -22.70 12.99
CA HIS A 544 7.24 -23.93 13.44
C HIS A 544 5.78 -23.96 12.99
N LEU A 545 5.48 -24.86 12.06
CA LEU A 545 4.18 -24.95 11.39
C LEU A 545 3.46 -26.23 11.85
N GLU A 546 2.19 -26.07 12.23
CA GLU A 546 1.27 -27.15 12.59
C GLU A 546 0.07 -27.06 11.65
N LYS A 547 -0.25 -28.18 10.97
CA LYS A 547 -1.42 -28.31 10.05
C LYS A 547 -2.32 -29.45 10.53
N GLU A 548 -3.61 -29.17 10.76
CA GLU A 548 -4.46 -30.11 11.48
C GLU A 548 -5.72 -30.40 10.66
S SO4 B . -11.10 3.23 29.71
O1 SO4 B . -11.85 2.01 30.08
O2 SO4 B . -10.36 3.85 30.80
O3 SO4 B . -10.10 2.84 28.64
O4 SO4 B . -11.97 4.32 29.23
S SO4 C . -7.01 20.89 -18.17
O1 SO4 C . -6.26 19.71 -18.68
O2 SO4 C . -6.07 21.87 -17.59
O3 SO4 C . -8.03 20.55 -17.13
O4 SO4 C . -7.71 21.43 -19.35
S SO4 D . 22.34 -10.39 5.14
O1 SO4 D . 23.06 -11.11 6.21
O2 SO4 D . 22.80 -8.98 4.95
O3 SO4 D . 22.53 -11.10 3.86
O4 SO4 D . 20.95 -10.41 5.63
S SO4 E . 25.26 -18.32 -5.97
O1 SO4 E . 26.30 -18.72 -5.00
O2 SO4 E . 24.52 -19.52 -6.40
O3 SO4 E . 25.84 -17.70 -7.19
O4 SO4 E . 24.41 -17.32 -5.25
S SO4 F . 6.58 20.28 1.42
O1 SO4 F . 7.20 18.96 1.71
O2 SO4 F . 6.94 21.20 2.53
O3 SO4 F . 7.11 20.82 0.14
O4 SO4 F . 5.11 20.09 1.37
S SO4 G . -7.71 -15.66 19.05
O1 SO4 G . -7.95 -16.63 20.15
O2 SO4 G . -6.49 -14.87 19.31
O3 SO4 G . -8.85 -14.71 19.00
O4 SO4 G . -7.52 -16.39 17.76
S SO4 H . -12.56 9.52 -15.91
O1 SO4 H . -11.49 8.62 -16.38
O2 SO4 H . -12.89 9.12 -14.53
O3 SO4 H . -13.72 9.35 -16.82
O4 SO4 H . -12.06 10.93 -15.95
S SO4 I . -12.94 -14.14 17.58
O1 SO4 I . -12.71 -15.61 17.49
O2 SO4 I . -11.67 -13.48 17.94
O3 SO4 I . -13.43 -13.63 16.28
O4 SO4 I . -13.93 -13.82 18.64
OAF FEK J . 8.45 -3.20 -9.38
CAC FEK J . 9.51 -2.85 -8.50
CAD FEK J . 8.96 -2.85 -7.04
OAG FEK J . 8.44 -4.20 -6.74
CAE FEK J . 7.87 -1.82 -6.93
FAH FEK J . 7.55 -1.66 -5.49
CAA FEK J . 8.27 -0.47 -7.61
CAB FEK J . 9.57 -0.47 -8.25
CAI FEK J . 10.10 -1.60 -8.81
CAJ FEK J . 11.26 -1.51 -9.68
OAK FEK J . 11.59 -0.13 -10.08
MG MG K . -10.59 25.50 -9.05
MG MG L . -7.60 17.28 28.19
MG MG M . -8.96 -15.34 0.88
C1 GOL N . 7.32 27.64 -16.86
O1 GOL N . 7.87 27.55 -15.57
C2 GOL N . 5.83 27.33 -16.78
O2 GOL N . 5.44 26.50 -17.92
C3 GOL N . 5.08 28.65 -16.61
O3 GOL N . 3.68 28.39 -16.46
C1 GOL O . -15.29 -11.55 -8.26
O1 GOL O . -15.37 -10.16 -7.89
C2 GOL O . -13.82 -11.91 -8.46
O2 GOL O . -13.09 -11.01 -9.32
C3 GOL O . -13.67 -13.27 -9.08
O3 GOL O . -12.27 -13.53 -9.02
#